data_5ZK3
#
_entry.id   5ZK3
#
_cell.length_a   46.480
_cell.length_b   58.800
_cell.length_c   89.320
_cell.angle_alpha   90.00
_cell.angle_beta   99.00
_cell.angle_gamma   90.00
#
_symmetry.space_group_name_H-M   'P 1 21 1'
#
loop_
_entity.id
_entity.type
_entity.pdbx_description
1 polymer 'Muscarinic acetylcholine receptor M2,Apo-cytochrome b562,Muscarinic acetylcholine receptor M2'
2 non-polymer '(3R)-1-azabicyclo[2.2.2]oct-3-yl hydroxy(diphenyl)acetate'
3 water water
#
_entity_poly.entity_id   1
_entity_poly.type   'polypeptide(L)'
_entity_poly.pdbx_seq_one_letter_code
;GPMDDSTDSSDNSLALTSPYKTFEVVFIVLVAGSLSLVTIIGNILVMVSIKVNRHLQTVNNYFLFSLACADLIIGVFSMN
LYTLYTVIGYWPLGPVVCDLWLALDYVVSNARVMNLLIISFDRYFCVTKPLTYPVKRTTKMAGMMIAAAWVLSFILWAPA
ILFWQFIVGVRTVEDGECYIQFFSNAAVTFGTAIAAFYLPVIIMTVLYWHISRASKSRIADLEDNWETLNDNLKVIEKAD
NAAQVKDALTKMRAAALDAQKATPPKLEDKSPDSPEMKDFRHGFDILVGQIDDALKLANEGKVKEAQAAAEQLKTTRNAY
IQKYLPPPSREKKVTRTILAILLAFIITWAPYNVMVLINTFCAPCIPNTVWTIGYWLCYINSTINPACYALCNATFKKTF
KHLLMCHYKNIGATRLEVLFQ
;
_entity_poly.pdbx_strand_id   A
#
# COMPACT_ATOMS: atom_id res chain seq x y z
N TYR A 20 -34.44 19.11 8.20
CA TYR A 20 -33.48 18.13 7.71
C TYR A 20 -32.05 18.66 7.79
N LYS A 21 -31.89 19.99 7.71
CA LYS A 21 -30.57 20.58 7.68
C LYS A 21 -29.79 20.29 8.96
N THR A 22 -30.47 20.36 10.11
CA THR A 22 -29.81 20.04 11.38
C THR A 22 -29.33 18.60 11.38
N PHE A 23 -30.18 17.67 10.93
CA PHE A 23 -29.77 16.27 10.84
C PHE A 23 -28.63 16.09 9.83
N GLU A 24 -28.57 16.93 8.80
CA GLU A 24 -27.46 16.84 7.85
C GLU A 24 -26.15 17.29 8.51
N VAL A 25 -26.21 18.33 9.34
CA VAL A 25 -25.02 18.78 10.04
C VAL A 25 -24.55 17.72 11.04
N VAL A 26 -25.48 17.18 11.82
CA VAL A 26 -25.12 16.14 12.79
C VAL A 26 -24.54 14.93 12.08
N PHE A 27 -25.16 14.53 10.97
CA PHE A 27 -24.68 13.38 10.20
C PHE A 27 -23.27 13.63 9.66
N ILE A 28 -23.02 14.82 9.12
CA ILE A 28 -21.70 15.14 8.59
C ILE A 28 -20.65 15.12 9.69
N VAL A 29 -20.99 15.68 10.85
CA VAL A 29 -20.04 15.70 11.97
C VAL A 29 -19.74 14.27 12.43
N LEU A 30 -20.77 13.43 12.50
CA LEU A 30 -20.57 12.06 12.98
C LEU A 30 -19.71 11.25 12.01
N VAL A 31 -20.09 11.25 10.73
CA VAL A 31 -19.31 10.47 9.76
C VAL A 31 -17.90 11.04 9.62
N ALA A 32 -17.74 12.35 9.78
CA ALA A 32 -16.41 12.95 9.66
C ALA A 32 -15.52 12.56 10.83
N GLY A 33 -16.05 12.65 12.05
CA GLY A 33 -15.28 12.19 13.20
C GLY A 33 -14.98 10.70 13.13
N SER A 34 -15.90 9.92 12.58
CA SER A 34 -15.66 8.48 12.41
C SER A 34 -14.52 8.24 11.43
N LEU A 35 -14.53 8.94 10.29
CA LEU A 35 -13.46 8.78 9.31
C LEU A 35 -12.11 9.19 9.90
N SER A 36 -12.06 10.35 10.56
CA SER A 36 -10.82 10.81 11.18
C SER A 36 -10.30 9.79 12.19
N LEU A 37 -11.19 9.30 13.05
CA LEU A 37 -10.77 8.35 14.09
C LEU A 37 -10.24 7.06 13.47
N VAL A 38 -10.95 6.52 12.47
CA VAL A 38 -10.50 5.30 11.81
C VAL A 38 -9.13 5.51 11.17
N THR A 39 -8.95 6.63 10.48
CA THR A 39 -7.66 6.94 9.87
C THR A 39 -6.54 6.95 10.91
N ILE A 40 -6.75 7.72 11.98
CA ILE A 40 -5.73 7.83 13.03
C ILE A 40 -5.39 6.45 13.59
N ILE A 41 -6.41 5.68 13.98
CA ILE A 41 -6.16 4.39 14.62
C ILE A 41 -5.42 3.45 13.68
N GLY A 42 -5.88 3.36 12.43
CA GLY A 42 -5.23 2.46 11.49
C GLY A 42 -3.78 2.81 11.24
N ASN A 43 -3.52 4.07 10.92
CA ASN A 43 -2.14 4.46 10.58
C ASN A 43 -1.23 4.35 11.80
N ILE A 44 -1.73 4.66 12.99
CA ILE A 44 -0.94 4.47 14.20
C ILE A 44 -0.62 3.00 14.41
N LEU A 45 -1.60 2.13 14.14
CA LEU A 45 -1.35 0.69 14.24
C LEU A 45 -0.25 0.25 13.28
N VAL A 46 -0.25 0.82 12.07
CA VAL A 46 0.79 0.47 11.09
C VAL A 46 2.16 0.91 11.61
N MET A 47 2.27 2.19 11.97
CA MET A 47 3.57 2.74 12.40
C MET A 47 4.10 1.98 13.60
N VAL A 48 3.27 1.79 14.64
CA VAL A 48 3.71 1.08 15.82
C VAL A 48 4.08 -0.36 15.49
N SER A 49 3.30 -0.99 14.60
CA SER A 49 3.60 -2.37 14.21
C SER A 49 4.95 -2.48 13.55
N ILE A 50 5.32 -1.50 12.73
CA ILE A 50 6.65 -1.53 12.13
C ILE A 50 7.72 -1.23 13.18
N LYS A 51 7.42 -0.37 14.16
CA LYS A 51 8.44 0.02 15.12
C LYS A 51 8.73 -1.08 16.15
N VAL A 52 7.76 -1.95 16.44
CA VAL A 52 7.92 -2.94 17.50
C VAL A 52 8.26 -4.33 16.97
N ASN A 53 8.09 -4.59 15.67
CA ASN A 53 8.37 -5.89 15.09
C ASN A 53 9.54 -5.74 14.13
N ARG A 54 10.69 -6.32 14.49
CA ARG A 54 11.86 -6.22 13.64
C ARG A 54 11.69 -6.99 12.34
N HIS A 55 10.82 -8.01 12.34
CA HIS A 55 10.51 -8.72 11.10
C HIS A 55 9.79 -7.84 10.10
N LEU A 56 9.19 -6.74 10.55
CA LEU A 56 8.54 -5.78 9.67
C LEU A 56 9.41 -4.57 9.39
N GLN A 57 10.69 -4.61 9.77
CA GLN A 57 11.59 -3.48 9.56
C GLN A 57 12.39 -3.68 8.27
N THR A 58 11.66 -3.66 7.16
CA THR A 58 12.22 -3.76 5.83
C THR A 58 12.10 -2.41 5.12
N VAL A 59 12.79 -2.29 3.99
CA VAL A 59 12.79 -1.04 3.23
C VAL A 59 11.39 -0.71 2.74
N ASN A 60 10.68 -1.72 2.22
CA ASN A 60 9.30 -1.52 1.80
C ASN A 60 8.46 -0.93 2.92
N ASN A 61 8.61 -1.46 4.13
CA ASN A 61 7.87 -0.94 5.28
C ASN A 61 8.45 0.36 5.83
N TYR A 62 9.66 0.74 5.41
CA TYR A 62 10.10 2.11 5.67
C TYR A 62 9.32 3.09 4.81
N PHE A 63 9.21 2.79 3.51
CA PHE A 63 8.39 3.62 2.63
C PHE A 63 6.94 3.66 3.12
N LEU A 64 6.40 2.48 3.48
CA LEU A 64 5.05 2.43 4.01
C LEU A 64 4.94 3.13 5.35
N PHE A 65 6.04 3.21 6.11
CA PHE A 65 6.03 3.96 7.35
C PHE A 65 5.87 5.45 7.08
N SER A 66 6.64 5.98 6.12
CA SER A 66 6.47 7.38 5.74
C SER A 66 5.06 7.64 5.23
N LEU A 67 4.54 6.74 4.40
CA LEU A 67 3.18 6.90 3.87
C LEU A 67 2.16 6.92 5.01
N ALA A 68 2.32 6.03 5.99
CA ALA A 68 1.42 6.00 7.13
C ALA A 68 1.55 7.26 7.97
N CYS A 69 2.74 7.85 8.02
N CYS A 69 2.74 7.85 8.03
CA CYS A 69 2.91 9.11 8.74
CA CYS A 69 2.90 9.11 8.75
C CYS A 69 2.14 10.23 8.06
C CYS A 69 2.13 10.23 8.06
N ALA A 70 2.23 10.31 6.73
CA ALA A 70 1.47 11.32 6.00
C ALA A 70 -0.03 11.11 6.17
N ASP A 71 -0.48 9.86 6.10
CA ASP A 71 -1.89 9.58 6.29
C ASP A 71 -2.34 9.95 7.70
N LEU A 72 -1.46 9.74 8.69
CA LEU A 72 -1.78 10.12 10.06
C LEU A 72 -1.92 11.64 10.19
N ILE A 73 -0.99 12.39 9.58
CA ILE A 73 -1.10 13.85 9.61
C ILE A 73 -2.40 14.30 8.95
N ILE A 74 -2.78 13.65 7.85
CA ILE A 74 -4.05 13.98 7.20
C ILE A 74 -5.22 13.70 8.14
N GLY A 75 -5.18 12.56 8.83
CA GLY A 75 -6.29 12.20 9.70
C GLY A 75 -6.41 13.07 10.93
N VAL A 76 -5.30 13.66 11.38
CA VAL A 76 -5.31 14.46 12.60
C VAL A 76 -5.65 15.91 12.28
N PHE A 77 -4.88 16.54 11.39
CA PHE A 77 -4.99 17.97 11.17
C PHE A 77 -5.97 18.33 10.06
N SER A 78 -5.80 17.77 8.86
CA SER A 78 -6.55 18.22 7.70
C SER A 78 -8.04 17.94 7.84
N MET A 79 -8.39 16.71 8.22
CA MET A 79 -9.80 16.32 8.30
C MET A 79 -10.56 17.19 9.28
N ASN A 80 -10.09 17.28 10.52
CA ASN A 80 -10.82 18.00 11.55
C ASN A 80 -10.98 19.47 11.21
N LEU A 81 -9.89 20.13 10.79
CA LEU A 81 -9.96 21.55 10.46
C LEU A 81 -10.86 21.79 9.25
N TYR A 82 -10.85 20.87 8.29
CA TYR A 82 -11.76 21.03 7.15
C TYR A 82 -13.21 20.87 7.58
N THR A 83 -13.48 19.95 8.52
CA THR A 83 -14.83 19.83 9.05
C THR A 83 -15.26 21.10 9.77
N LEU A 84 -14.38 21.67 10.59
CA LEU A 84 -14.69 22.94 11.24
C LEU A 84 -15.02 24.01 10.21
N TYR A 85 -14.19 24.10 9.16
CA TYR A 85 -14.41 25.07 8.09
C TYR A 85 -15.79 24.91 7.47
N THR A 86 -16.10 23.69 7.01
CA THR A 86 -17.37 23.47 6.31
C THR A 86 -18.57 23.67 7.23
N VAL A 87 -18.49 23.15 8.45
CA VAL A 87 -19.64 23.20 9.35
C VAL A 87 -19.92 24.62 9.81
N ILE A 88 -18.88 25.38 10.15
CA ILE A 88 -19.10 26.74 10.62
C ILE A 88 -19.50 27.65 9.47
N GLY A 89 -18.96 27.42 8.27
CA GLY A 89 -19.29 28.22 7.11
C GLY A 89 -18.21 29.21 6.72
N TYR A 90 -17.26 29.49 7.61
CA TYR A 90 -16.15 30.39 7.33
C TYR A 90 -14.95 29.91 8.14
N TRP A 91 -13.81 30.58 7.96
CA TRP A 91 -12.61 30.22 8.69
C TRP A 91 -12.56 30.97 10.01
N PRO A 92 -12.77 30.30 11.15
CA PRO A 92 -12.84 31.01 12.44
C PRO A 92 -11.52 31.14 13.19
N LEU A 93 -10.49 30.38 12.82
CA LEU A 93 -9.29 30.32 13.63
C LEU A 93 -8.42 31.56 13.45
N GLY A 94 -8.02 31.84 12.21
CA GLY A 94 -7.22 33.01 11.94
C GLY A 94 -6.37 32.86 10.69
N PRO A 95 -5.71 33.95 10.29
CA PRO A 95 -4.87 33.87 9.08
C PRO A 95 -3.62 33.03 9.28
N VAL A 96 -2.97 33.13 10.44
CA VAL A 96 -1.76 32.36 10.70
C VAL A 96 -2.06 30.86 10.67
N VAL A 97 -3.07 30.44 11.42
CA VAL A 97 -3.44 29.02 11.47
C VAL A 97 -3.89 28.55 10.10
N CYS A 98 -4.52 29.42 9.31
CA CYS A 98 -4.90 29.07 7.95
C CYS A 98 -3.66 28.80 7.10
N ASP A 99 -2.67 29.68 7.18
CA ASP A 99 -1.44 29.49 6.41
C ASP A 99 -0.73 28.21 6.83
N LEU A 100 -0.64 27.96 8.14
CA LEU A 100 0.02 26.74 8.61
C LEU A 100 -0.74 25.49 8.18
N TRP A 101 -2.07 25.56 8.15
CA TRP A 101 -2.86 24.40 7.74
C TRP A 101 -2.69 24.12 6.25
N LEU A 102 -2.76 25.16 5.42
CA LEU A 102 -2.55 24.97 3.99
C LEU A 102 -1.16 24.44 3.70
N ALA A 103 -0.13 25.04 4.31
CA ALA A 103 1.24 24.60 4.08
C ALA A 103 1.44 23.16 4.53
N LEU A 104 0.91 22.81 5.70
CA LEU A 104 1.04 21.44 6.19
C LEU A 104 0.35 20.45 5.25
N ASP A 105 -0.87 20.78 4.81
CA ASP A 105 -1.61 19.87 3.95
C ASP A 105 -0.92 19.67 2.61
N TYR A 106 -0.42 20.74 2.00
CA TYR A 106 0.20 20.61 0.68
C TYR A 106 1.58 19.98 0.76
N VAL A 107 2.34 20.28 1.82
CA VAL A 107 3.63 19.61 2.01
C VAL A 107 3.43 18.12 2.24
N VAL A 108 2.43 17.75 3.03
CA VAL A 108 2.17 16.33 3.28
C VAL A 108 1.69 15.65 2.01
N SER A 109 0.86 16.33 1.21
CA SER A 109 0.39 15.75 -0.03
C SER A 109 1.55 15.51 -1.00
N ASN A 110 2.42 16.51 -1.16
CA ASN A 110 3.56 16.36 -2.05
C ASN A 110 4.49 15.24 -1.56
N ALA A 111 4.74 15.20 -0.25
CA ALA A 111 5.57 14.13 0.31
C ALA A 111 4.96 12.77 0.04
N ARG A 112 3.63 12.67 0.08
CA ARG A 112 2.96 11.43 -0.30
C ARG A 112 3.25 11.08 -1.76
N VAL A 113 3.08 12.06 -2.66
CA VAL A 113 3.27 11.80 -4.08
C VAL A 113 4.69 11.29 -4.36
N MET A 114 5.68 12.02 -3.84
CA MET A 114 7.06 11.59 -4.07
C MET A 114 7.40 10.31 -3.31
N ASN A 115 6.65 9.98 -2.26
CA ASN A 115 6.81 8.68 -1.62
C ASN A 115 6.36 7.56 -2.54
N LEU A 116 5.21 7.74 -3.20
CA LEU A 116 4.76 6.75 -4.18
C LEU A 116 5.73 6.67 -5.35
N LEU A 117 6.33 7.81 -5.74
CA LEU A 117 7.37 7.78 -6.76
C LEU A 117 8.57 6.97 -6.29
N ILE A 118 8.95 7.10 -5.01
CA ILE A 118 10.08 6.34 -4.49
C ILE A 118 9.78 4.85 -4.50
N ILE A 119 8.56 4.47 -4.10
CA ILE A 119 8.18 3.06 -4.13
C ILE A 119 8.22 2.52 -5.55
N SER A 120 7.63 3.26 -6.49
CA SER A 120 7.56 2.82 -7.87
C SER A 120 8.95 2.65 -8.48
N PHE A 121 9.81 3.65 -8.30
CA PHE A 121 11.17 3.56 -8.85
C PHE A 121 11.97 2.46 -8.16
N ASP A 122 11.80 2.31 -6.85
CA ASP A 122 12.52 1.25 -6.12
C ASP A 122 12.16 -0.12 -6.66
N ARG A 123 10.86 -0.38 -6.85
CA ARG A 123 10.44 -1.64 -7.45
C ARG A 123 10.97 -1.77 -8.88
N TYR A 124 10.98 -0.66 -9.63
CA TYR A 124 11.45 -0.71 -11.00
C TYR A 124 12.91 -1.13 -11.08
N PHE A 125 13.76 -0.54 -10.23
CA PHE A 125 15.17 -0.92 -10.23
C PHE A 125 15.37 -2.31 -9.64
N CYS A 126 14.47 -2.75 -8.77
CA CYS A 126 14.54 -4.12 -8.26
C CYS A 126 14.27 -5.13 -9.36
N VAL A 127 13.34 -4.83 -10.27
CA VAL A 127 12.99 -5.79 -11.31
C VAL A 127 13.81 -5.61 -12.58
N THR A 128 14.49 -4.48 -12.76
CA THR A 128 15.28 -4.26 -13.98
C THR A 128 16.78 -4.38 -13.77
N LYS A 129 17.26 -4.20 -12.54
CA LYS A 129 18.69 -4.29 -12.23
C LYS A 129 18.89 -5.20 -11.02
N PRO A 130 18.67 -6.51 -11.18
CA PRO A 130 18.81 -7.41 -10.03
C PRO A 130 20.25 -7.60 -9.57
N LEU A 131 21.23 -7.34 -10.43
CA LEU A 131 22.63 -7.58 -10.11
C LEU A 131 23.30 -6.39 -9.43
N THR A 132 22.68 -5.22 -9.41
CA THR A 132 23.34 -4.04 -8.86
C THR A 132 22.52 -3.35 -7.78
N TYR A 133 21.20 -3.27 -7.94
CA TYR A 133 20.37 -2.47 -7.04
C TYR A 133 20.07 -3.17 -5.70
N PRO A 134 19.74 -4.46 -5.67
CA PRO A 134 19.41 -5.09 -4.38
C PRO A 134 20.51 -4.98 -3.33
N VAL A 135 21.79 -4.96 -3.74
CA VAL A 135 22.86 -4.85 -2.76
C VAL A 135 22.95 -3.43 -2.22
N LYS A 136 22.53 -2.44 -3.01
CA LYS A 136 22.51 -1.05 -2.58
C LYS A 136 21.23 -0.68 -1.84
N ARG A 137 20.33 -1.64 -1.63
CA ARG A 137 19.00 -1.38 -1.10
C ARG A 137 18.99 -1.67 0.40
N THR A 138 19.51 -0.71 1.16
CA THR A 138 19.58 -0.83 2.61
C THR A 138 18.58 0.13 3.26
N THR A 139 18.48 0.01 4.59
CA THR A 139 17.57 0.88 5.33
C THR A 139 18.07 2.32 5.37
N LYS A 140 19.38 2.52 5.32
CA LYS A 140 19.93 3.87 5.33
C LYS A 140 19.58 4.62 4.05
N MET A 141 19.77 3.98 2.90
CA MET A 141 19.41 4.62 1.64
C MET A 141 17.93 4.98 1.60
N ALA A 142 17.08 4.06 2.04
CA ALA A 142 15.64 4.35 2.10
C ALA A 142 15.36 5.51 3.03
N GLY A 143 16.00 5.54 4.20
CA GLY A 143 15.79 6.64 5.13
C GLY A 143 16.19 7.99 4.56
N MET A 144 17.33 8.04 3.88
CA MET A 144 17.77 9.31 3.30
C MET A 144 16.90 9.70 2.10
N MET A 145 16.37 8.73 1.36
CA MET A 145 15.44 9.05 0.28
C MET A 145 14.14 9.63 0.83
N ILE A 146 13.62 9.04 1.90
CA ILE A 146 12.39 9.55 2.51
C ILE A 146 12.62 10.95 3.07
N ALA A 147 13.70 11.12 3.83
CA ALA A 147 14.02 12.44 4.38
C ALA A 147 14.18 13.47 3.27
N ALA A 148 14.86 13.11 2.18
CA ALA A 148 15.00 14.03 1.06
C ALA A 148 13.64 14.36 0.45
N ALA A 149 12.73 13.39 0.41
CA ALA A 149 11.39 13.64 -0.10
C ALA A 149 10.66 14.67 0.76
N TRP A 150 10.71 14.50 2.09
CA TRP A 150 10.02 15.43 2.97
C TRP A 150 10.64 16.83 2.91
N VAL A 151 11.98 16.91 2.94
CA VAL A 151 12.63 18.21 2.89
C VAL A 151 12.34 18.91 1.57
N LEU A 152 12.37 18.16 0.46
CA LEU A 152 12.09 18.75 -0.85
C LEU A 152 10.65 19.24 -0.93
N SER A 153 9.71 18.46 -0.38
CA SER A 153 8.32 18.90 -0.38
C SER A 153 8.15 20.18 0.44
N PHE A 154 8.75 20.22 1.63
CA PHE A 154 8.65 21.40 2.48
C PHE A 154 9.25 22.62 1.79
N ILE A 155 10.38 22.45 1.09
CA ILE A 155 11.00 23.58 0.41
C ILE A 155 10.16 24.03 -0.77
N LEU A 156 9.54 23.09 -1.48
CA LEU A 156 8.76 23.45 -2.66
C LEU A 156 7.46 24.15 -2.28
N TRP A 157 6.82 23.74 -1.18
CA TRP A 157 5.48 24.21 -0.88
C TRP A 157 5.40 25.23 0.26
N ALA A 158 6.17 25.05 1.32
CA ALA A 158 6.00 25.89 2.51
C ALA A 158 6.25 27.37 2.26
N PRO A 159 7.39 27.80 1.71
CA PRO A 159 7.63 29.25 1.60
C PRO A 159 6.63 29.96 0.69
N ALA A 160 6.24 29.33 -0.42
CA ALA A 160 5.29 29.96 -1.33
C ALA A 160 3.92 30.13 -0.69
N ILE A 161 3.54 29.21 0.21
CA ILE A 161 2.23 29.33 0.84
C ILE A 161 2.27 30.31 2.00
N LEU A 162 3.39 30.34 2.74
CA LEU A 162 3.48 31.15 3.96
C LEU A 162 3.85 32.60 3.70
N PHE A 163 4.67 32.89 2.68
CA PHE A 163 5.29 34.20 2.55
C PHE A 163 4.99 34.90 1.22
N TRP A 164 4.17 34.30 0.35
CA TRP A 164 3.80 34.97 -0.89
C TRP A 164 3.10 36.30 -0.63
N GLN A 165 2.27 36.36 0.43
CA GLN A 165 1.63 37.60 0.82
C GLN A 165 2.66 38.69 1.12
N PHE A 166 3.79 38.30 1.72
CA PHE A 166 4.85 39.28 1.96
C PHE A 166 5.61 39.61 0.68
N ILE A 167 5.68 38.67 -0.25
CA ILE A 167 6.37 38.94 -1.52
C ILE A 167 5.60 39.98 -2.32
N VAL A 168 4.28 39.79 -2.48
CA VAL A 168 3.47 40.75 -3.23
C VAL A 168 3.12 41.98 -2.40
N GLY A 169 3.33 41.94 -1.09
CA GLY A 169 3.06 43.10 -0.25
C GLY A 169 1.61 43.30 0.13
N VAL A 170 0.74 42.33 -0.13
CA VAL A 170 -0.66 42.44 0.23
C VAL A 170 -1.22 41.04 0.40
N ARG A 171 -2.12 40.88 1.36
CA ARG A 171 -2.79 39.61 1.61
C ARG A 171 -4.22 39.71 1.08
N THR A 172 -4.49 39.04 -0.04
CA THR A 172 -5.80 39.06 -0.64
C THR A 172 -6.75 38.04 -0.04
N VAL A 173 -6.30 37.25 0.93
CA VAL A 173 -7.15 36.30 1.64
C VAL A 173 -7.91 37.09 2.71
N GLU A 174 -9.16 37.45 2.41
CA GLU A 174 -9.95 38.26 3.32
C GLU A 174 -10.34 37.45 4.57
N ASP A 175 -10.80 38.17 5.58
CA ASP A 175 -11.16 37.54 6.85
C ASP A 175 -12.27 36.52 6.65
N GLY A 176 -12.12 35.37 7.30
CA GLY A 176 -13.07 34.28 7.17
C GLY A 176 -12.81 33.35 6.01
N GLU A 177 -11.82 33.63 5.19
CA GLU A 177 -11.45 32.78 4.06
C GLU A 177 -10.14 32.06 4.35
N CYS A 178 -9.95 30.92 3.69
CA CYS A 178 -8.70 30.18 3.83
C CYS A 178 -8.41 29.48 2.51
N TYR A 179 -7.41 29.99 1.79
CA TYR A 179 -7.01 29.41 0.51
C TYR A 179 -5.62 29.93 0.16
N ILE A 180 -4.95 29.21 -0.73
CA ILE A 180 -3.62 29.60 -1.18
C ILE A 180 -3.71 30.86 -2.02
N GLN A 181 -3.00 31.91 -1.60
CA GLN A 181 -3.16 33.22 -2.23
C GLN A 181 -2.73 33.20 -3.70
N PHE A 182 -1.55 32.65 -3.99
CA PHE A 182 -1.12 32.65 -5.38
C PHE A 182 -1.93 31.71 -6.26
N PHE A 183 -2.89 30.98 -5.69
CA PHE A 183 -3.88 30.23 -6.46
C PHE A 183 -5.10 31.08 -6.81
N SER A 184 -4.99 32.40 -6.70
CA SER A 184 -6.08 33.27 -7.14
C SER A 184 -6.35 33.12 -8.63
N ASN A 185 -5.32 32.82 -9.41
CA ASN A 185 -5.48 32.57 -10.84
C ASN A 185 -5.74 31.08 -11.06
N ALA A 186 -6.71 30.77 -11.92
CA ALA A 186 -7.07 29.38 -12.16
C ALA A 186 -6.00 28.65 -12.96
N ALA A 187 -5.41 29.32 -13.95
CA ALA A 187 -4.39 28.69 -14.77
C ALA A 187 -3.14 28.36 -13.95
N VAL A 188 -2.80 29.19 -12.97
CA VAL A 188 -1.69 28.88 -12.07
C VAL A 188 -1.99 27.61 -11.30
N THR A 189 -3.20 27.49 -10.76
CA THR A 189 -3.59 26.31 -10.01
C THR A 189 -3.53 25.06 -10.88
N PHE A 190 -4.01 25.17 -12.13
CA PHE A 190 -4.00 24.00 -13.01
C PHE A 190 -2.59 23.60 -13.40
N GLY A 191 -1.73 24.57 -13.72
CA GLY A 191 -0.35 24.24 -14.03
C GLY A 191 0.35 23.57 -12.86
N THR A 192 0.15 24.11 -11.65
CA THR A 192 0.70 23.47 -10.46
C THR A 192 0.15 22.07 -10.29
N ALA A 193 -1.12 21.86 -10.66
CA ALA A 193 -1.69 20.52 -10.59
C ALA A 193 -1.07 19.60 -11.64
N ILE A 194 -0.60 20.16 -12.75
CA ILE A 194 0.10 19.35 -13.75
C ILE A 194 1.47 18.93 -13.23
N ALA A 195 2.20 19.87 -12.62
CA ALA A 195 3.52 19.56 -12.11
C ALA A 195 3.45 18.63 -10.89
N ALA A 196 2.39 18.72 -10.11
CA ALA A 196 2.32 18.01 -8.83
C ALA A 196 1.53 16.71 -8.90
N PHE A 197 0.53 16.60 -9.79
CA PHE A 197 -0.30 15.41 -9.82
C PHE A 197 -0.22 14.64 -11.14
N TYR A 198 -0.45 15.30 -12.27
CA TYR A 198 -0.63 14.58 -13.52
C TYR A 198 0.66 13.89 -13.97
N LEU A 199 1.76 14.64 -14.06
CA LEU A 199 3.04 14.03 -14.43
C LEU A 199 3.45 12.90 -13.49
N PRO A 200 3.37 13.05 -12.16
CA PRO A 200 3.69 11.90 -11.31
C PRO A 200 2.79 10.70 -11.55
N VAL A 201 1.49 10.92 -11.80
CA VAL A 201 0.60 9.80 -12.05
C VAL A 201 0.98 9.08 -13.34
N ILE A 202 1.35 9.84 -14.37
CA ILE A 202 1.81 9.22 -15.61
C ILE A 202 3.08 8.42 -15.38
N ILE A 203 4.03 8.99 -14.63
CA ILE A 203 5.30 8.30 -14.37
C ILE A 203 5.04 7.00 -13.62
N MET A 204 4.19 7.03 -12.59
CA MET A 204 3.89 5.82 -11.84
C MET A 204 3.15 4.80 -12.70
N THR A 205 2.30 5.27 -13.61
CA THR A 205 1.59 4.34 -14.50
C THR A 205 2.56 3.62 -15.42
N VAL A 206 3.51 4.35 -16.01
CA VAL A 206 4.50 3.71 -16.89
C VAL A 206 5.39 2.77 -16.09
N LEU A 207 5.86 3.23 -14.93
CA LEU A 207 6.70 2.38 -14.08
C LEU A 207 5.99 1.08 -13.74
N TYR A 208 4.74 1.15 -13.29
CA TYR A 208 4.01 -0.06 -12.99
C TYR A 208 3.79 -0.91 -14.24
N TRP A 209 3.60 -0.26 -15.39
CA TRP A 209 3.50 -1.02 -16.64
C TRP A 209 4.73 -1.89 -16.83
N HIS A 210 5.92 -1.31 -16.59
CA HIS A 210 7.14 -2.10 -16.68
C HIS A 210 7.23 -3.14 -15.58
N ILE A 211 6.65 -2.88 -14.41
CA ILE A 211 6.67 -3.86 -13.32
C ILE A 211 5.85 -5.10 -13.72
N SER A 212 4.59 -4.88 -14.10
CA SER A 212 3.72 -6.00 -14.45
C SER A 212 4.21 -6.72 -15.70
N ARG A 213 4.80 -5.99 -16.65
CA ARG A 213 5.38 -6.68 -17.80
C ARG A 213 6.63 -7.46 -17.41
N ALA A 214 7.36 -7.00 -16.39
CA ALA A 214 8.53 -7.73 -15.92
C ALA A 214 8.14 -9.01 -15.20
N SER A 215 7.11 -8.95 -14.36
CA SER A 215 6.63 -10.14 -13.67
C SER A 215 5.96 -11.13 -14.63
N LYS A 216 5.48 -10.65 -15.77
CA LYS A 216 4.85 -11.51 -16.76
C LYS A 216 5.87 -12.11 -17.71
N ALA A 220 11.58 -18.27 -12.37
CA ALA A 220 10.40 -17.88 -13.15
C ALA A 220 9.25 -18.84 -12.92
N ASP A 221 9.31 -20.00 -13.58
CA ASP A 221 8.26 -21.01 -13.44
C ASP A 221 8.37 -21.75 -12.12
N LEU A 222 9.60 -22.01 -11.66
CA LEU A 222 9.80 -22.73 -10.40
C LEU A 222 9.18 -21.97 -9.24
N GLU A 223 9.34 -20.64 -9.22
CA GLU A 223 8.77 -19.84 -8.14
C GLU A 223 7.25 -19.88 -8.18
N ASP A 224 6.66 -19.92 -9.37
CA ASP A 224 5.21 -20.02 -9.47
C ASP A 224 4.71 -21.37 -8.98
N ASN A 225 5.39 -22.46 -9.34
CA ASN A 225 4.97 -23.78 -8.89
C ASN A 225 5.10 -23.91 -7.37
N TRP A 226 6.25 -23.51 -6.82
CA TRP A 226 6.48 -23.64 -5.38
C TRP A 226 5.52 -22.74 -4.60
N GLU A 227 5.36 -21.49 -5.05
CA GLU A 227 4.42 -20.59 -4.39
C GLU A 227 3.00 -21.14 -4.44
N THR A 228 2.60 -21.72 -5.57
CA THR A 228 1.29 -22.34 -5.68
C THR A 228 1.13 -23.47 -4.68
N LEU A 229 2.14 -24.35 -4.59
CA LEU A 229 2.07 -25.48 -3.67
C LEU A 229 1.94 -25.01 -2.23
N ASN A 230 2.81 -24.09 -1.80
CA ASN A 230 2.76 -23.62 -0.42
C ASN A 230 1.44 -22.90 -0.12
N ASP A 231 0.99 -22.03 -1.04
CA ASP A 231 -0.26 -21.32 -0.83
C ASP A 231 -1.43 -22.28 -0.67
N ASN A 232 -1.50 -23.30 -1.54
CA ASN A 232 -2.57 -24.28 -1.42
C ASN A 232 -2.45 -25.09 -0.14
N LEU A 233 -1.22 -25.33 0.33
CA LEU A 233 -1.04 -25.97 1.64
C LEU A 233 -1.66 -25.13 2.75
N LYS A 234 -1.39 -23.82 2.73
CA LYS A 234 -2.00 -22.93 3.71
C LYS A 234 -3.52 -22.90 3.58
N VAL A 235 -4.02 -23.04 2.35
CA VAL A 235 -5.48 -23.09 2.15
C VAL A 235 -6.06 -24.35 2.78
N ILE A 236 -5.38 -25.48 2.63
CA ILE A 236 -5.84 -26.71 3.26
C ILE A 236 -5.81 -26.59 4.77
N GLU A 237 -4.78 -25.93 5.31
CA GLU A 237 -4.68 -25.78 6.76
C GLU A 237 -5.81 -24.93 7.32
N LYS A 238 -6.26 -23.93 6.58
CA LYS A 238 -7.27 -22.99 7.06
C LYS A 238 -8.62 -23.16 6.35
N ALA A 239 -8.89 -24.37 5.84
CA ALA A 239 -10.13 -24.60 5.13
C ALA A 239 -11.32 -24.70 6.08
N ASP A 240 -12.49 -24.32 5.59
CA ASP A 240 -13.72 -24.34 6.36
C ASP A 240 -14.63 -25.50 6.02
N ASN A 241 -14.68 -25.91 4.74
CA ASN A 241 -15.56 -26.99 4.32
C ASN A 241 -14.79 -28.06 3.56
N ALA A 242 -15.50 -29.00 2.96
CA ALA A 242 -14.89 -30.12 2.25
C ALA A 242 -14.54 -29.79 0.80
N ALA A 243 -14.81 -28.57 0.33
CA ALA A 243 -14.50 -28.19 -1.04
C ALA A 243 -13.11 -27.57 -1.17
N GLN A 244 -12.75 -26.68 -0.24
CA GLN A 244 -11.45 -26.01 -0.34
C GLN A 244 -10.29 -26.98 -0.15
N VAL A 245 -10.48 -28.02 0.68
CA VAL A 245 -9.40 -28.97 0.93
C VAL A 245 -9.02 -29.69 -0.36
N LYS A 246 -10.02 -30.21 -1.08
CA LYS A 246 -9.73 -30.93 -2.32
C LYS A 246 -9.35 -29.98 -3.45
N ASP A 247 -10.01 -28.82 -3.52
CA ASP A 247 -9.67 -27.83 -4.55
C ASP A 247 -8.22 -27.40 -4.44
N ALA A 248 -7.70 -27.28 -3.21
CA ALA A 248 -6.29 -26.98 -3.05
C ALA A 248 -5.42 -28.22 -3.19
N LEU A 249 -5.98 -29.41 -2.91
CA LEU A 249 -5.21 -30.64 -3.02
C LEU A 249 -4.85 -30.94 -4.47
N THR A 250 -5.83 -30.84 -5.38
CA THR A 250 -5.56 -31.20 -6.78
C THR A 250 -4.56 -30.26 -7.43
N LYS A 251 -4.73 -28.95 -7.21
CA LYS A 251 -3.80 -27.99 -7.81
C LYS A 251 -2.44 -28.07 -7.14
N MET A 252 -2.41 -28.32 -5.82
CA MET A 252 -1.15 -28.48 -5.12
C MET A 252 -0.38 -29.68 -5.64
N ARG A 253 -1.10 -30.77 -5.97
CA ARG A 253 -0.44 -31.95 -6.52
C ARG A 253 0.02 -31.70 -7.95
N ALA A 254 -0.79 -30.99 -8.74
CA ALA A 254 -0.39 -30.65 -10.11
C ALA A 254 0.89 -29.84 -10.10
N ALA A 255 0.93 -28.75 -9.32
CA ALA A 255 2.14 -27.96 -9.18
C ALA A 255 3.27 -28.75 -8.52
N ALA A 256 2.93 -29.80 -7.76
CA ALA A 256 3.96 -30.62 -7.14
C ALA A 256 4.68 -31.47 -8.20
N LEU A 257 3.91 -32.11 -9.07
CA LEU A 257 4.53 -32.91 -10.13
C LEU A 257 5.22 -32.02 -11.15
N ASP A 258 4.62 -30.90 -11.50
CA ASP A 258 5.27 -29.96 -12.41
C ASP A 258 6.56 -29.39 -11.80
N ALA A 259 6.59 -29.23 -10.48
CA ALA A 259 7.81 -28.80 -9.81
C ALA A 259 8.82 -29.94 -9.69
N GLN A 260 8.36 -31.19 -9.73
CA GLN A 260 9.27 -32.33 -9.66
C GLN A 260 9.93 -32.59 -11.01
N LYS A 261 9.20 -32.38 -12.11
CA LYS A 261 9.77 -32.63 -13.43
C LYS A 261 10.88 -31.66 -13.76
N ALA A 262 10.76 -30.41 -13.30
CA ALA A 262 11.75 -29.39 -13.62
C ALA A 262 12.96 -29.51 -12.70
N THR A 263 14.01 -28.75 -13.05
CA THR A 263 15.27 -28.78 -12.32
C THR A 263 15.45 -27.50 -11.52
N PRO A 264 15.67 -27.60 -10.21
CA PRO A 264 15.91 -26.39 -9.40
C PRO A 264 17.33 -25.89 -9.59
N PRO A 265 17.67 -24.72 -9.03
CA PRO A 265 19.05 -24.24 -9.14
C PRO A 265 20.03 -25.09 -8.35
N LYS A 266 20.36 -26.26 -8.88
CA LYS A 266 21.29 -27.16 -8.21
C LYS A 266 22.70 -26.58 -8.20
N LEU A 267 23.47 -26.96 -7.18
CA LEU A 267 24.87 -26.57 -7.11
C LEU A 267 25.72 -27.49 -7.97
N GLU A 268 26.76 -26.91 -8.57
CA GLU A 268 27.73 -27.57 -9.45
C GLU A 268 27.13 -28.03 -10.77
N ASP A 269 25.84 -27.78 -11.03
CA ASP A 269 25.19 -28.13 -12.28
C ASP A 269 25.30 -29.63 -12.57
N LYS A 270 24.69 -30.41 -11.68
CA LYS A 270 24.82 -31.86 -11.73
C LYS A 270 23.90 -32.47 -12.79
N SER A 271 24.24 -33.68 -13.21
CA SER A 271 23.47 -34.40 -14.21
C SER A 271 22.18 -34.93 -13.59
N PRO A 272 21.18 -35.28 -14.42
CA PRO A 272 19.93 -35.84 -13.87
C PRO A 272 20.10 -37.16 -13.12
N ASP A 273 21.23 -37.85 -13.30
CA ASP A 273 21.49 -39.09 -12.59
C ASP A 273 22.26 -38.88 -11.29
N SER A 274 22.46 -37.64 -10.87
CA SER A 274 23.21 -37.35 -9.66
C SER A 274 22.38 -37.63 -8.42
N PRO A 275 23.04 -37.86 -7.28
CA PRO A 275 22.27 -38.08 -6.04
C PRO A 275 21.42 -36.88 -5.63
N GLU A 276 21.85 -35.66 -5.97
CA GLU A 276 21.07 -34.49 -5.60
C GLU A 276 19.74 -34.44 -6.36
N MET A 277 19.77 -34.71 -7.65
CA MET A 277 18.53 -34.74 -8.43
C MET A 277 17.63 -35.89 -8.00
N LYS A 278 18.22 -37.04 -7.68
CA LYS A 278 17.42 -38.18 -7.23
C LYS A 278 16.76 -37.88 -5.89
N ASP A 279 17.47 -37.17 -5.00
CA ASP A 279 16.85 -36.75 -3.75
C ASP A 279 15.75 -35.73 -3.99
N PHE A 280 15.97 -34.81 -4.94
CA PHE A 280 14.96 -33.82 -5.26
C PHE A 280 13.68 -34.48 -5.76
N ARG A 281 13.81 -35.49 -6.61
CA ARG A 281 12.63 -36.21 -7.08
C ARG A 281 12.01 -37.05 -5.97
N HIS A 282 12.85 -37.64 -5.11
CA HIS A 282 12.36 -38.50 -4.04
C HIS A 282 11.52 -37.72 -3.04
N GLY A 283 11.95 -36.50 -2.70
CA GLY A 283 11.19 -35.69 -1.77
C GLY A 283 9.77 -35.42 -2.27
N PHE A 284 9.64 -35.07 -3.54
CA PHE A 284 8.32 -34.86 -4.12
C PHE A 284 7.56 -36.17 -4.32
N ASP A 285 8.26 -37.30 -4.43
CA ASP A 285 7.59 -38.59 -4.42
C ASP A 285 6.89 -38.82 -3.08
N ILE A 286 7.63 -38.64 -1.98
CA ILE A 286 7.01 -38.78 -0.66
C ILE A 286 5.91 -37.75 -0.47
N LEU A 287 6.12 -36.54 -0.97
CA LEU A 287 5.10 -35.49 -0.84
C LEU A 287 3.81 -35.88 -1.55
N VAL A 288 3.91 -36.37 -2.78
CA VAL A 288 2.72 -36.80 -3.51
C VAL A 288 2.07 -38.00 -2.83
N GLY A 289 2.87 -38.89 -2.27
CA GLY A 289 2.31 -40.01 -1.54
C GLY A 289 1.47 -39.58 -0.36
N GLN A 290 2.02 -38.70 0.49
CA GLN A 290 1.25 -38.21 1.63
C GLN A 290 0.07 -37.37 1.20
N ILE A 291 0.19 -36.66 0.08
CA ILE A 291 -0.94 -35.91 -0.47
C ILE A 291 -2.07 -36.87 -0.83
N ASP A 292 -1.74 -38.00 -1.46
CA ASP A 292 -2.76 -38.99 -1.79
C ASP A 292 -3.33 -39.65 -0.55
N ASP A 293 -2.53 -39.79 0.51
CA ASP A 293 -3.09 -40.28 1.78
C ASP A 293 -4.08 -39.29 2.36
N ALA A 294 -3.77 -37.99 2.30
CA ALA A 294 -4.71 -36.97 2.76
C ALA A 294 -5.97 -36.95 1.91
N LEU A 295 -5.84 -37.22 0.61
CA LEU A 295 -7.02 -37.30 -0.25
C LEU A 295 -7.87 -38.52 0.10
N LYS A 296 -7.23 -39.66 0.38
CA LYS A 296 -7.97 -40.84 0.82
C LYS A 296 -8.74 -40.55 2.10
N LEU A 297 -8.04 -40.07 3.13
CA LEU A 297 -8.71 -39.76 4.40
C LEU A 297 -9.78 -38.69 4.22
N ALA A 298 -9.61 -37.80 3.23
CA ALA A 298 -10.64 -36.81 2.95
C ALA A 298 -11.86 -37.43 2.30
N ASN A 299 -11.68 -38.51 1.54
CA ASN A 299 -12.83 -39.16 0.93
C ASN A 299 -13.61 -40.04 1.92
N GLU A 300 -12.91 -40.63 2.90
CA GLU A 300 -13.58 -41.49 3.86
C GLU A 300 -14.44 -40.72 4.87
N GLY A 301 -14.35 -39.39 4.88
CA GLY A 301 -15.04 -38.58 5.86
C GLY A 301 -14.16 -38.00 6.94
N LYS A 302 -12.87 -38.33 6.95
CA LYS A 302 -11.93 -37.81 7.95
C LYS A 302 -11.21 -36.59 7.38
N VAL A 303 -11.96 -35.49 7.31
CA VAL A 303 -11.40 -34.24 6.78
C VAL A 303 -10.42 -33.64 7.79
N LYS A 304 -10.70 -33.77 9.08
CA LYS A 304 -9.80 -33.28 10.11
C LYS A 304 -8.45 -33.99 10.02
N GLU A 305 -8.48 -35.33 9.90
CA GLU A 305 -7.25 -36.08 9.68
C GLU A 305 -6.57 -35.71 8.37
N ALA A 306 -7.32 -35.18 7.40
CA ALA A 306 -6.69 -34.67 6.20
C ALA A 306 -5.98 -33.34 6.45
N GLN A 307 -6.50 -32.52 7.36
CA GLN A 307 -5.81 -31.31 7.74
C GLN A 307 -4.54 -31.63 8.52
N ALA A 308 -4.62 -32.55 9.49
CA ALA A 308 -3.42 -33.02 10.17
C ALA A 308 -2.44 -33.62 9.18
N ALA A 309 -2.95 -34.34 8.17
CA ALA A 309 -2.09 -34.85 7.11
C ALA A 309 -1.45 -33.71 6.32
N ALA A 310 -2.14 -32.57 6.22
CA ALA A 310 -1.51 -31.39 5.62
C ALA A 310 -0.38 -30.87 6.50
N GLU A 311 -0.55 -30.95 7.83
CA GLU A 311 0.57 -30.63 8.71
C GLU A 311 1.74 -31.57 8.46
N GLN A 312 1.45 -32.85 8.21
CA GLN A 312 2.52 -33.78 7.83
C GLN A 312 3.17 -33.35 6.51
N LEU A 313 2.37 -32.88 5.57
CA LEU A 313 2.92 -32.34 4.32
C LEU A 313 3.89 -31.20 4.61
N LYS A 314 3.55 -30.33 5.55
CA LYS A 314 4.48 -29.27 5.95
C LYS A 314 5.74 -29.86 6.57
N THR A 315 5.59 -30.94 7.34
CA THR A 315 6.75 -31.58 7.96
C THR A 315 7.74 -32.09 6.92
N THR A 316 7.26 -32.92 5.98
CA THR A 316 8.16 -33.46 4.96
C THR A 316 8.67 -32.36 4.03
N ARG A 317 7.81 -31.38 3.72
CA ARG A 317 8.23 -30.28 2.87
C ARG A 317 9.42 -29.53 3.47
N ASN A 318 9.32 -29.17 4.75
CA ASN A 318 10.45 -28.54 5.42
C ASN A 318 11.61 -29.52 5.61
N ALA A 319 11.34 -30.83 5.63
CA ALA A 319 12.41 -31.80 5.69
C ALA A 319 13.23 -31.82 4.40
N TYR A 320 12.60 -31.50 3.27
CA TYR A 320 13.27 -31.47 1.98
C TYR A 320 13.12 -30.09 1.32
N ILE A 321 13.32 -29.03 2.10
CA ILE A 321 13.17 -27.67 1.61
C ILE A 321 14.49 -27.02 1.23
N GLN A 322 15.63 -27.62 1.62
CA GLN A 322 16.93 -27.02 1.31
C GLN A 322 17.23 -27.01 -0.18
N LYS A 323 16.48 -27.78 -0.98
CA LYS A 323 16.71 -27.78 -2.42
C LYS A 323 16.18 -26.52 -3.10
N TYR A 324 15.27 -25.80 -2.45
CA TYR A 324 14.69 -24.59 -2.99
C TYR A 324 15.10 -23.38 -2.14
N LEU A 325 14.66 -22.20 -2.58
CA LEU A 325 14.96 -20.96 -1.88
C LEU A 325 13.95 -20.69 -0.78
N GLU A 331 6.87 -12.33 -4.76
CA GLU A 331 7.04 -11.08 -5.48
C GLU A 331 5.74 -10.64 -6.13
N LYS A 332 4.84 -11.59 -6.36
CA LYS A 332 3.54 -11.27 -6.94
C LYS A 332 2.72 -10.41 -6.00
N LYS A 333 2.70 -10.75 -4.71
CA LYS A 333 1.91 -9.99 -3.75
C LYS A 333 2.48 -8.60 -3.53
N VAL A 334 3.79 -8.43 -3.72
CA VAL A 334 4.39 -7.10 -3.62
C VAL A 334 3.88 -6.21 -4.76
N THR A 335 3.89 -6.73 -5.98
CA THR A 335 3.37 -5.98 -7.12
C THR A 335 1.88 -5.70 -6.96
N ARG A 336 1.12 -6.69 -6.47
CA ARG A 336 -0.30 -6.48 -6.21
C ARG A 336 -0.50 -5.35 -5.20
N THR A 337 0.28 -5.37 -4.13
CA THR A 337 0.13 -4.35 -3.09
C THR A 337 0.46 -2.96 -3.63
N ILE A 338 1.57 -2.85 -4.36
CA ILE A 338 1.93 -1.56 -4.96
C ILE A 338 0.82 -1.07 -5.88
N LEU A 339 0.28 -1.97 -6.72
CA LEU A 339 -0.81 -1.59 -7.61
C LEU A 339 -2.02 -1.11 -6.82
N ALA A 340 -2.32 -1.77 -5.69
CA ALA A 340 -3.48 -1.36 -4.89
C ALA A 340 -3.28 0.04 -4.32
N ILE A 341 -2.07 0.33 -3.82
CA ILE A 341 -1.79 1.66 -3.27
C ILE A 341 -1.90 2.71 -4.37
N LEU A 342 -1.27 2.46 -5.51
CA LEU A 342 -1.30 3.41 -6.61
C LEU A 342 -2.73 3.68 -7.07
N LEU A 343 -3.52 2.62 -7.23
CA LEU A 343 -4.90 2.78 -7.69
C LEU A 343 -5.74 3.52 -6.66
N ALA A 344 -5.54 3.24 -5.38
CA ALA A 344 -6.23 3.99 -4.33
C ALA A 344 -5.93 5.48 -4.46
N PHE A 345 -4.65 5.83 -4.58
CA PHE A 345 -4.26 7.23 -4.69
C PHE A 345 -4.87 7.88 -5.92
N ILE A 346 -4.74 7.24 -7.08
CA ILE A 346 -5.20 7.85 -8.34
C ILE A 346 -6.72 8.00 -8.32
N ILE A 347 -7.44 6.98 -7.87
CA ILE A 347 -8.90 7.02 -7.92
C ILE A 347 -9.44 8.03 -6.91
N THR A 348 -8.80 8.15 -5.75
CA THR A 348 -9.28 9.11 -4.76
C THR A 348 -8.86 10.54 -5.06
N TRP A 349 -7.79 10.74 -5.83
CA TRP A 349 -7.27 12.07 -6.08
C TRP A 349 -7.60 12.61 -7.46
N ALA A 350 -8.14 11.79 -8.37
CA ALA A 350 -8.45 12.28 -9.71
C ALA A 350 -9.60 13.28 -9.72
N PRO A 351 -10.73 13.07 -9.02
CA PRO A 351 -11.84 14.03 -9.14
C PRO A 351 -11.48 15.46 -8.79
N TYR A 352 -10.74 15.69 -7.70
CA TYR A 352 -10.38 17.06 -7.34
C TYR A 352 -9.57 17.72 -8.43
N ASN A 353 -8.63 16.98 -9.03
CA ASN A 353 -7.76 17.57 -10.04
C ASN A 353 -8.49 17.79 -11.36
N VAL A 354 -9.49 16.96 -11.68
CA VAL A 354 -10.29 17.27 -12.86
C VAL A 354 -11.22 18.43 -12.58
N MET A 355 -11.58 18.66 -11.31
CA MET A 355 -12.28 19.89 -10.96
C MET A 355 -11.36 21.10 -11.16
N VAL A 356 -10.07 20.92 -10.85
CA VAL A 356 -9.10 21.98 -11.12
C VAL A 356 -8.99 22.25 -12.63
N LEU A 357 -9.00 21.18 -13.43
CA LEU A 357 -8.95 21.35 -14.88
C LEU A 357 -10.19 22.07 -15.41
N ILE A 358 -11.38 21.70 -14.92
CA ILE A 358 -12.61 22.32 -15.38
C ILE A 358 -12.71 23.76 -14.90
N ASN A 359 -12.14 24.06 -13.73
CA ASN A 359 -12.22 25.40 -13.16
C ASN A 359 -11.51 26.44 -14.00
N THR A 360 -10.64 26.03 -14.94
CA THR A 360 -9.89 27.00 -15.72
C THR A 360 -10.78 27.74 -16.73
N PHE A 361 -11.82 27.08 -17.23
CA PHE A 361 -12.70 27.70 -18.20
C PHE A 361 -14.13 27.89 -17.72
N CYS A 362 -14.53 27.24 -16.63
CA CYS A 362 -15.89 27.42 -16.09
C CYS A 362 -15.83 27.19 -14.59
N ALA A 363 -15.74 28.28 -13.83
CA ALA A 363 -15.77 28.21 -12.37
C ALA A 363 -17.16 27.85 -11.85
N PRO A 364 -18.26 28.38 -12.40
CA PRO A 364 -19.59 27.95 -11.93
C PRO A 364 -19.88 26.49 -12.19
N CYS A 365 -19.12 25.81 -13.05
CA CYS A 365 -19.38 24.41 -13.34
C CYS A 365 -19.03 23.48 -12.18
N ILE A 366 -18.36 23.98 -11.14
CA ILE A 366 -18.03 23.17 -9.97
C ILE A 366 -18.56 23.87 -8.72
N PRO A 367 -19.71 23.46 -8.20
CA PRO A 367 -20.24 24.08 -6.98
C PRO A 367 -19.35 23.78 -5.77
N ASN A 368 -19.60 24.53 -4.70
CA ASN A 368 -18.82 24.38 -3.48
C ASN A 368 -18.95 22.98 -2.91
N THR A 369 -20.16 22.40 -2.93
CA THR A 369 -20.36 21.07 -2.40
C THR A 369 -19.50 20.04 -3.11
N VAL A 370 -19.38 20.16 -4.44
CA VAL A 370 -18.55 19.23 -5.20
C VAL A 370 -17.09 19.39 -4.85
N TRP A 371 -16.64 20.64 -4.62
CA TRP A 371 -15.29 20.86 -4.11
C TRP A 371 -15.07 20.12 -2.80
N THR A 372 -16.04 20.25 -1.88
CA THR A 372 -15.96 19.51 -0.61
C THR A 372 -15.85 18.01 -0.85
N ILE A 373 -16.59 17.50 -1.84
CA ILE A 373 -16.53 16.07 -2.15
C ILE A 373 -15.14 15.67 -2.62
N GLY A 374 -14.53 16.49 -3.49
CA GLY A 374 -13.19 16.17 -3.96
C GLY A 374 -12.16 16.18 -2.85
N TYR A 375 -12.18 17.24 -2.03
CA TYR A 375 -11.36 17.30 -0.82
C TYR A 375 -11.51 16.02 -0.01
N TRP A 376 -12.77 15.58 0.18
CA TRP A 376 -13.01 14.44 1.06
C TRP A 376 -12.59 13.11 0.44
N LEU A 377 -12.61 13.00 -0.88
CA LEU A 377 -12.04 11.82 -1.51
C LEU A 377 -10.53 11.79 -1.30
N CYS A 378 -9.86 12.93 -1.52
CA CYS A 378 -8.44 13.02 -1.25
C CYS A 378 -8.11 12.60 0.18
N TYR A 379 -8.90 13.06 1.15
CA TYR A 379 -8.67 12.66 2.53
C TYR A 379 -9.01 11.19 2.75
N ILE A 380 -10.00 10.66 2.03
CA ILE A 380 -10.39 9.26 2.17
C ILE A 380 -9.26 8.34 1.74
N ASN A 381 -8.42 8.78 0.80
CA ASN A 381 -7.23 8.02 0.44
C ASN A 381 -6.44 7.59 1.68
N SER A 382 -6.27 8.49 2.64
CA SER A 382 -5.52 8.16 3.85
C SER A 382 -6.22 7.09 4.68
N THR A 383 -7.56 7.08 4.68
CA THR A 383 -8.27 6.05 5.41
C THR A 383 -8.18 4.70 4.72
N ILE A 384 -8.16 4.70 3.38
CA ILE A 384 -8.13 3.44 2.64
C ILE A 384 -6.72 2.84 2.62
N ASN A 385 -5.68 3.67 2.68
CA ASN A 385 -4.31 3.19 2.54
C ASN A 385 -3.94 2.04 3.47
N PRO A 386 -4.19 2.10 4.78
CA PRO A 386 -3.78 0.97 5.64
C PRO A 386 -4.41 -0.36 5.24
N ALA A 387 -5.64 -0.34 4.74
CA ALA A 387 -6.29 -1.57 4.30
C ALA A 387 -5.70 -2.13 3.01
N CYS A 388 -4.87 -1.35 2.31
CA CYS A 388 -4.28 -1.80 1.06
C CYS A 388 -3.02 -2.62 1.25
N TYR A 389 -2.28 -2.41 2.34
CA TYR A 389 -1.04 -3.14 2.57
C TYR A 389 -0.93 -3.78 3.95
N ALA A 390 -1.67 -3.32 4.95
CA ALA A 390 -1.56 -3.89 6.28
C ALA A 390 -2.57 -5.02 6.52
N LEU A 391 -3.79 -4.88 6.02
CA LEU A 391 -4.80 -5.92 6.15
C LEU A 391 -4.62 -7.06 5.17
N CYS A 392 -3.53 -7.07 4.41
CA CYS A 392 -3.25 -8.14 3.46
C CYS A 392 -1.95 -8.86 3.78
N ASN A 393 -1.30 -8.53 4.90
CA ASN A 393 -0.02 -9.10 5.27
C ASN A 393 -0.17 -9.87 6.58
N ALA A 394 0.42 -11.07 6.63
CA ALA A 394 0.27 -11.93 7.80
C ALA A 394 1.04 -11.38 9.00
N THR A 395 2.24 -10.86 8.77
CA THR A 395 3.02 -10.29 9.87
C THR A 395 2.34 -9.06 10.44
N PHE A 396 1.78 -8.21 9.57
CA PHE A 396 1.04 -7.04 10.04
C PHE A 396 -0.17 -7.46 10.87
N LYS A 397 -0.86 -8.54 10.47
CA LYS A 397 -2.02 -9.00 11.23
C LYS A 397 -1.60 -9.52 12.59
N LYS A 398 -0.57 -10.38 12.63
CA LYS A 398 -0.12 -10.94 13.90
C LYS A 398 0.36 -9.84 14.84
N THR A 399 1.10 -8.86 14.32
CA THR A 399 1.54 -7.75 15.15
C THR A 399 0.36 -6.91 15.62
N PHE A 400 -0.65 -6.73 14.76
CA PHE A 400 -1.86 -6.03 15.16
C PHE A 400 -2.52 -6.72 16.35
N LYS A 401 -2.78 -8.03 16.23
CA LYS A 401 -3.43 -8.76 17.30
C LYS A 401 -2.58 -8.77 18.57
N HIS A 402 -1.25 -8.75 18.43
CA HIS A 402 -0.41 -8.62 19.62
C HIS A 402 -0.59 -7.25 20.26
N LEU A 403 -0.74 -6.21 19.45
CA LEU A 403 -0.92 -4.86 19.99
C LEU A 403 -2.29 -4.69 20.65
N LEU A 404 -3.31 -5.39 20.16
CA LEU A 404 -4.66 -5.19 20.66
C LEU A 404 -5.02 -6.12 21.81
N MET A 405 -4.30 -7.23 21.99
CA MET A 405 -4.61 -8.14 23.07
C MET A 405 -4.16 -7.55 24.41
N CYS A 406 -4.93 -7.85 25.46
CA CYS A 406 -4.62 -7.36 26.79
C CYS A 406 -3.52 -8.19 27.41
N HIS A 407 -2.42 -7.54 27.79
CA HIS A 407 -1.31 -8.23 28.44
C HIS A 407 -1.55 -8.38 29.94
#